data_3NM6
#
_entry.id   3NM6
#
_cell.length_a   81.350
_cell.length_b   81.350
_cell.length_c   67.595
_cell.angle_alpha   90.00
_cell.angle_beta   90.00
_cell.angle_gamma   120.00
#
_symmetry.space_group_name_H-M   'P 32 2 1'
#
loop_
_entity.id
_entity.type
_entity.pdbx_description
1 polymer 'MTA/SAH nucleosidase'
2 non-polymer ADENINE
3 non-polymer 2-AMINO-2-HYDROXYMETHYL-PROPANE-1,3-DIOL
4 non-polymer 1,2-ETHANEDIOL
5 water water
#
_entity_poly.entity_id   1
_entity_poly.type   'polypeptide(L)'
_entity_poly.pdbx_seq_one_letter_code
;MQKIGILGAMREEITPILELFGVDFEEIPLGGNVFHKGVYHNKEIIVAYSKIGKVHSTLTTTSMILAFGVQKVLFSGVAG
SLVKDLKINDLLVATQLVQHDVDLSAFDHPLGFIPESAIFIETSGSLNALAKKIANEQHIALKEGVIASGDQFVHSKERK
EFLVSEFKASAVEMEGASVAFVCQKFGVPCCVLRSISDNADEKAGMSFDEFLEKSAHTSAKFLKSMVDEL
;
_entity_poly.pdbx_strand_id   B
#
loop_
_chem_comp.id
_chem_comp.type
_chem_comp.name
_chem_comp.formula
ADE non-polymer ADENINE 'C5 H5 N5'
EDO non-polymer 1,2-ETHANEDIOL 'C2 H6 O2'
TRS non-polymer 2-AMINO-2-HYDROXYMETHYL-PROPANE-1,3-DIOL 'C4 H12 N O3 1'
#
# COMPACT_ATOMS: atom_id res chain seq x y z
N GLN A 2 -22.01 2.78 4.79
CA GLN A 2 -20.76 2.32 4.20
C GLN A 2 -19.61 2.48 5.19
N LYS A 3 -18.71 1.50 5.22
CA LYS A 3 -17.58 1.53 6.15
C LYS A 3 -16.29 1.32 5.39
N ILE A 4 -15.39 2.31 5.48
CA ILE A 4 -14.16 2.28 4.70
C ILE A 4 -12.96 2.27 5.63
N GLY A 5 -12.07 1.30 5.45
CA GLY A 5 -10.81 1.29 6.16
C GLY A 5 -9.75 2.02 5.35
N ILE A 6 -8.95 2.84 6.02
CA ILE A 6 -7.90 3.59 5.38
C ILE A 6 -6.62 3.33 6.16
N LEU A 7 -5.60 2.81 5.47
CA LEU A 7 -4.38 2.38 6.15
C LEU A 7 -3.16 3.05 5.59
N GLY A 8 -2.22 3.37 6.48
CA GLY A 8 -0.86 3.67 6.08
C GLY A 8 0.03 2.81 6.94
N ALA A 9 1.34 2.84 6.70
CA ALA A 9 2.27 2.09 7.53
C ALA A 9 2.89 2.94 8.64
N MET A 10 3.08 4.23 8.38
CA MET A 10 3.74 5.13 9.32
C MET A 10 2.81 6.27 9.75
N ARG A 11 3.12 6.86 10.89
CA ARG A 11 2.37 8.03 11.34
C ARG A 11 2.39 9.11 10.27
N GLU A 12 3.55 9.30 9.65
CA GLU A 12 3.71 10.33 8.61
C GLU A 12 2.79 10.10 7.41
N GLU A 13 2.40 8.85 7.18
CA GLU A 13 1.53 8.54 6.05
C GLU A 13 0.05 8.78 6.35
N ILE A 14 -0.36 8.74 7.61
CA ILE A 14 -1.76 8.97 7.92
C ILE A 14 -2.05 10.36 8.49
N THR A 15 -1.03 11.05 9.00
CA THR A 15 -1.25 12.42 9.45
C THR A 15 -1.95 13.29 8.39
N PRO A 16 -1.45 13.28 7.13
CA PRO A 16 -2.16 14.09 6.13
C PRO A 16 -3.56 13.58 5.82
N ILE A 17 -3.78 12.28 5.98
CA ILE A 17 -5.11 11.71 5.77
C ILE A 17 -6.10 12.27 6.79
N LEU A 18 -5.73 12.20 8.07
CA LEU A 18 -6.57 12.76 9.12
C LEU A 18 -6.86 14.24 8.89
N GLU A 19 -5.82 14.99 8.54
CA GLU A 19 -5.96 16.43 8.33
C GLU A 19 -6.86 16.74 7.12
N LEU A 20 -6.67 16.00 6.04
CA LEU A 20 -7.46 16.23 4.83
C LEU A 20 -8.96 15.98 5.02
N PHE A 21 -9.30 14.91 5.73
CA PHE A 21 -10.71 14.63 5.98
C PHE A 21 -11.33 15.65 6.92
N GLY A 22 -10.54 16.11 7.88
CA GLY A 22 -10.89 17.24 8.72
C GLY A 22 -12.10 17.06 9.62
N VAL A 23 -12.44 15.81 9.93
CA VAL A 23 -13.57 15.53 10.80
C VAL A 23 -13.07 15.08 12.17
N ASP A 24 -14.01 14.97 13.12
CA ASP A 24 -13.67 14.50 14.46
C ASP A 24 -13.44 12.99 14.46
N PHE A 25 -12.34 12.55 15.04
CA PHE A 25 -12.05 11.12 15.13
C PHE A 25 -12.06 10.62 16.57
N GLU A 26 -12.68 9.47 16.80
CA GLU A 26 -12.58 8.77 18.07
C GLU A 26 -11.41 7.80 18.01
N GLU A 27 -10.52 7.87 19.00
CA GLU A 27 -9.36 6.99 19.03
C GLU A 27 -9.64 5.72 19.83
N ILE A 28 -9.50 4.58 19.15
CA ILE A 28 -9.84 3.27 19.73
C ILE A 28 -8.63 2.33 19.66
N PRO A 29 -8.08 1.94 20.82
CA PRO A 29 -6.91 1.06 20.81
C PRO A 29 -7.28 -0.42 20.69
N LEU A 30 -6.50 -1.15 19.90
CA LEU A 30 -6.68 -2.60 19.76
C LEU A 30 -5.43 -3.21 19.16
N GLY A 31 -4.91 -4.24 19.81
CA GLY A 31 -3.80 -5.00 19.28
C GLY A 31 -2.54 -4.21 19.02
N GLY A 32 -2.29 -3.18 19.83
CA GLY A 32 -1.11 -2.37 19.67
C GLY A 32 -1.24 -1.25 18.63
N ASN A 33 -2.42 -1.13 18.04
CA ASN A 33 -2.71 -0.06 17.09
C ASN A 33 -3.73 0.90 17.67
N VAL A 34 -3.76 2.11 17.12
CA VAL A 34 -4.82 3.06 17.42
C VAL A 34 -5.65 3.29 16.17
N PHE A 35 -6.95 3.00 16.26
CA PHE A 35 -7.85 3.21 15.14
C PHE A 35 -8.63 4.51 15.33
N HIS A 36 -8.65 5.32 14.28
CA HIS A 36 -9.33 6.62 14.31
C HIS A 36 -10.66 6.49 13.58
N LYS A 37 -11.76 6.59 14.32
CA LYS A 37 -13.08 6.36 13.75
C LYS A 37 -13.82 7.67 13.57
N GLY A 38 -14.28 7.93 12.35
CA GLY A 38 -14.99 9.16 12.06
C GLY A 38 -16.10 8.97 11.05
N VAL A 39 -16.88 10.03 10.85
CA VAL A 39 -17.92 10.04 9.84
C VAL A 39 -17.63 11.12 8.82
N TYR A 40 -17.59 10.73 7.56
CA TYR A 40 -17.30 11.66 6.48
C TYR A 40 -18.32 11.43 5.37
N HIS A 41 -19.16 12.44 5.14
CA HIS A 41 -20.18 12.37 4.12
C HIS A 41 -20.92 11.03 4.08
N ASN A 42 -21.56 10.69 5.20
CA ASN A 42 -22.45 9.53 5.26
C ASN A 42 -21.70 8.20 5.26
N LYS A 43 -20.37 8.27 5.34
CA LYS A 43 -19.56 7.06 5.41
C LYS A 43 -18.77 7.01 6.71
N GLU A 44 -18.70 5.83 7.31
CA GLU A 44 -17.83 5.64 8.45
C GLU A 44 -16.43 5.33 7.94
N ILE A 45 -15.45 6.10 8.37
CA ILE A 45 -14.07 5.87 8.00
C ILE A 45 -13.25 5.46 9.22
N ILE A 46 -12.43 4.43 9.04
CA ILE A 46 -11.57 3.94 10.09
C ILE A 46 -10.13 4.06 9.60
N VAL A 47 -9.35 4.91 10.26
CA VAL A 47 -8.00 5.23 9.80
C VAL A 47 -6.96 4.74 10.81
N ALA A 48 -5.90 4.09 10.33
CA ALA A 48 -4.82 3.69 11.22
C ALA A 48 -3.50 3.58 10.46
N TYR A 49 -2.39 3.72 11.18
CA TYR A 49 -1.12 3.26 10.63
C TYR A 49 -0.72 1.96 11.33
N SER A 50 -0.18 1.02 10.55
CA SER A 50 0.08 -0.34 11.06
C SER A 50 1.40 -0.48 11.78
N LYS A 51 2.33 0.42 11.47
CA LYS A 51 3.76 0.24 11.70
C LYS A 51 4.34 -0.58 10.53
N ILE A 52 5.65 -0.53 10.36
CA ILE A 52 6.26 -1.01 9.12
C ILE A 52 6.34 -2.53 9.02
N GLY A 53 6.13 -3.05 7.81
CA GLY A 53 6.45 -4.43 7.54
C GLY A 53 5.25 -5.35 7.45
N LYS A 54 5.52 -6.60 7.10
N LYS A 54 5.50 -6.59 7.06
N LYS A 54 5.49 -6.60 7.05
CA LYS A 54 4.44 -7.54 6.77
CA LYS A 54 4.42 -7.54 6.76
CA LYS A 54 4.38 -7.51 6.75
C LYS A 54 3.63 -8.01 7.96
C LYS A 54 3.62 -7.97 7.98
C LYS A 54 3.61 -8.00 7.97
N VAL A 55 4.30 -8.29 9.07
CA VAL A 55 3.60 -8.74 10.28
C VAL A 55 2.71 -7.63 10.83
N HIS A 56 3.27 -6.44 11.00
CA HIS A 56 2.49 -5.29 11.45
C HIS A 56 1.26 -5.08 10.57
N SER A 57 1.47 -5.00 9.27
CA SER A 57 0.36 -4.67 8.37
C SER A 57 -0.68 -5.79 8.26
N THR A 58 -0.24 -7.04 8.35
CA THR A 58 -1.19 -8.16 8.35
C THR A 58 -2.09 -8.09 9.58
N LEU A 59 -1.47 -7.87 10.73
CA LEU A 59 -2.22 -7.74 11.98
C LEU A 59 -3.26 -6.62 11.89
N THR A 60 -2.82 -5.43 11.52
CA THR A 60 -3.71 -4.28 11.49
C THR A 60 -4.86 -4.47 10.50
N THR A 61 -4.57 -4.99 9.33
CA THR A 61 -5.62 -5.19 8.33
C THR A 61 -6.64 -6.20 8.84
N THR A 62 -6.16 -7.28 9.48
CA THR A 62 -7.06 -8.30 10.02
C THR A 62 -7.93 -7.69 11.13
N SER A 63 -7.33 -6.87 11.99
CA SER A 63 -8.12 -6.19 13.01
C SER A 63 -9.18 -5.28 12.40
N MET A 64 -8.80 -4.54 11.36
CA MET A 64 -9.73 -3.64 10.71
C MET A 64 -10.97 -4.38 10.23
N ILE A 65 -10.72 -5.51 9.60
CA ILE A 65 -11.79 -6.30 9.01
C ILE A 65 -12.63 -7.00 10.09
N LEU A 66 -11.97 -7.66 11.03
CA LEU A 66 -12.68 -8.45 12.03
C LEU A 66 -13.32 -7.61 13.12
N ALA A 67 -12.62 -6.59 13.59
CA ALA A 67 -13.09 -5.83 14.74
C ALA A 67 -13.92 -4.62 14.33
N PHE A 68 -13.62 -4.06 13.17
CA PHE A 68 -14.29 -2.82 12.76
C PHE A 68 -15.27 -3.02 11.61
N GLY A 69 -15.22 -4.19 10.97
CA GLY A 69 -16.16 -4.52 9.92
C GLY A 69 -16.09 -3.68 8.66
N VAL A 70 -14.89 -3.21 8.30
CA VAL A 70 -14.75 -2.40 7.10
C VAL A 70 -15.13 -3.20 5.86
N GLN A 71 -15.68 -2.50 4.87
CA GLN A 71 -16.19 -3.13 3.66
C GLN A 71 -15.28 -2.92 2.46
N LYS A 72 -14.28 -2.07 2.64
CA LYS A 72 -13.22 -1.90 1.67
C LYS A 72 -12.03 -1.32 2.40
N VAL A 73 -10.84 -1.56 1.85
CA VAL A 73 -9.61 -1.04 2.44
C VAL A 73 -8.82 -0.30 1.38
N LEU A 74 -8.50 0.94 1.67
CA LEU A 74 -7.65 1.77 0.82
C LEU A 74 -6.35 2.01 1.55
N PHE A 75 -5.23 1.64 0.92
CA PHE A 75 -3.92 1.86 1.53
C PHE A 75 -3.20 3.02 0.85
N SER A 76 -2.58 3.89 1.64
CA SER A 76 -1.85 5.05 1.13
C SER A 76 -0.49 5.17 1.81
N GLY A 77 0.56 5.39 1.03
CA GLY A 77 1.89 5.55 1.60
C GLY A 77 2.93 5.77 0.53
N VAL A 78 4.19 5.59 0.89
CA VAL A 78 5.28 5.85 -0.03
C VAL A 78 6.02 4.57 -0.41
N ALA A 79 6.76 4.62 -1.51
CA ALA A 79 7.43 3.43 -2.01
C ALA A 79 8.69 3.82 -2.77
N GLY A 80 9.53 2.82 -3.05
CA GLY A 80 10.72 3.06 -3.86
C GLY A 80 10.47 2.70 -5.31
N SER A 81 10.96 3.53 -6.22
CA SER A 81 10.79 3.27 -7.64
C SER A 81 11.81 2.29 -8.20
N LEU A 82 11.34 1.39 -9.07
CA LEU A 82 12.22 0.43 -9.75
C LEU A 82 12.29 0.71 -11.23
N VAL A 83 11.53 1.71 -11.69
CA VAL A 83 11.44 1.98 -13.12
C VAL A 83 11.61 3.47 -13.42
N LYS A 84 12.24 3.77 -14.56
CA LYS A 84 12.61 5.13 -14.93
C LYS A 84 11.41 6.08 -15.00
N ASP A 85 10.26 5.56 -15.42
CA ASP A 85 9.08 6.40 -15.61
C ASP A 85 8.30 6.65 -14.32
N LEU A 86 8.77 6.09 -13.21
CA LEU A 86 8.24 6.46 -11.90
C LEU A 86 9.26 7.35 -11.19
N LYS A 87 9.02 8.66 -11.24
CA LYS A 87 9.91 9.63 -10.62
C LYS A 87 9.46 9.92 -9.20
N ILE A 88 10.33 10.60 -8.43
CA ILE A 88 9.95 11.04 -7.10
C ILE A 88 8.62 11.78 -7.15
N ASN A 89 7.72 11.42 -6.23
CA ASN A 89 6.38 11.98 -6.10
C ASN A 89 5.32 11.35 -6.99
N ASP A 90 5.75 10.60 -8.01
CA ASP A 90 4.80 9.93 -8.90
C ASP A 90 3.96 8.90 -8.18
N LEU A 91 2.73 8.75 -8.66
CA LEU A 91 1.76 7.83 -8.06
C LEU A 91 1.63 6.53 -8.83
N LEU A 92 1.44 5.45 -8.08
CA LEU A 92 1.18 4.15 -8.67
C LEU A 92 0.04 3.48 -7.92
N VAL A 93 -0.82 2.79 -8.67
CA VAL A 93 -1.80 1.89 -8.07
CA VAL A 93 -1.80 1.90 -8.08
C VAL A 93 -1.37 0.47 -8.38
N ALA A 94 -1.39 -0.39 -7.36
CA ALA A 94 -0.91 -1.75 -7.53
C ALA A 94 -1.99 -2.65 -8.12
N THR A 95 -1.75 -3.16 -9.32
CA THR A 95 -2.69 -4.09 -9.94
C THR A 95 -2.44 -5.51 -9.43
N GLN A 96 -1.17 -5.82 -9.16
CA GLN A 96 -0.79 -7.10 -8.56
C GLN A 96 0.35 -6.85 -7.60
N LEU A 97 0.44 -7.69 -6.56
CA LEU A 97 1.50 -7.57 -5.57
C LEU A 97 2.09 -8.94 -5.28
N VAL A 98 3.37 -8.94 -4.88
CA VAL A 98 4.09 -10.16 -4.56
C VAL A 98 4.90 -9.94 -3.30
N GLN A 99 5.07 -10.99 -2.52
CA GLN A 99 6.01 -10.98 -1.40
C GLN A 99 7.38 -11.40 -1.93
N HIS A 100 8.22 -10.40 -2.20
CA HIS A 100 9.45 -10.63 -2.98
C HIS A 100 10.53 -11.36 -2.20
N ASP A 101 10.38 -11.42 -0.88
CA ASP A 101 11.38 -12.06 -0.02
C ASP A 101 11.05 -13.48 0.38
N VAL A 102 9.92 -13.99 -0.11
CA VAL A 102 9.52 -15.38 0.16
C VAL A 102 10.39 -16.33 -0.67
N ASP A 103 11.02 -17.30 0.00
CA ASP A 103 11.97 -18.18 -0.68
C ASP A 103 11.93 -19.61 -0.14
N LEU A 104 11.22 -20.48 -0.86
CA LEU A 104 11.21 -21.91 -0.54
CA LEU A 104 11.18 -21.90 -0.56
C LEU A 104 11.85 -22.69 -1.67
N SER A 105 12.92 -22.12 -2.23
CA SER A 105 13.67 -22.77 -3.29
C SER A 105 14.35 -24.05 -2.80
N ALA A 106 14.44 -24.22 -1.49
CA ALA A 106 14.96 -25.47 -0.91
C ALA A 106 14.12 -26.66 -1.39
N PHE A 107 12.86 -26.39 -1.72
CA PHE A 107 11.97 -27.42 -2.25
C PHE A 107 11.64 -27.21 -3.72
N ASP A 108 12.45 -26.41 -4.39
CA ASP A 108 12.31 -26.11 -5.82
CA ASP A 108 12.27 -26.17 -5.82
C ASP A 108 11.01 -25.38 -6.14
N HIS A 109 10.48 -24.64 -5.17
CA HIS A 109 9.34 -23.78 -5.45
C HIS A 109 9.83 -22.52 -6.13
N PRO A 110 9.02 -21.96 -7.04
CA PRO A 110 9.36 -20.64 -7.59
C PRO A 110 9.49 -19.61 -6.45
N LEU A 111 10.38 -18.63 -6.61
CA LEU A 111 10.50 -17.58 -5.61
C LEU A 111 9.18 -16.83 -5.50
N GLY A 112 8.84 -16.43 -4.28
CA GLY A 112 7.59 -15.74 -4.02
C GLY A 112 6.41 -16.67 -3.74
N PHE A 113 6.59 -17.97 -4.02
CA PHE A 113 5.50 -18.93 -3.86
C PHE A 113 5.53 -19.67 -2.52
N ILE A 114 4.36 -19.78 -1.90
CA ILE A 114 4.16 -20.62 -0.71
C ILE A 114 3.05 -21.62 -1.02
N PRO A 115 3.26 -22.91 -0.66
CA PRO A 115 2.21 -23.90 -0.91
C PRO A 115 0.86 -23.47 -0.36
N GLU A 116 -0.20 -23.80 -1.09
CA GLU A 116 -1.56 -23.43 -0.73
C GLU A 116 -1.81 -21.94 -0.86
N SER A 117 -0.94 -21.27 -1.61
CA SER A 117 -1.12 -19.85 -1.91
C SER A 117 -0.79 -19.58 -3.38
N ALA A 118 -0.35 -18.36 -3.67
CA ALA A 118 -0.04 -17.95 -5.03
C ALA A 118 1.03 -16.88 -4.98
N ILE A 119 1.77 -16.71 -6.09
CA ILE A 119 2.83 -15.72 -6.11
C ILE A 119 2.26 -14.31 -6.10
N PHE A 120 1.27 -14.06 -6.94
CA PHE A 120 0.72 -12.71 -7.05
C PHE A 120 -0.67 -12.60 -6.43
N ILE A 121 -0.91 -11.46 -5.81
CA ILE A 121 -2.20 -11.13 -5.21
C ILE A 121 -2.83 -10.02 -6.01
N GLU A 122 -4.12 -10.14 -6.32
CA GLU A 122 -4.81 -9.09 -7.06
C GLU A 122 -5.57 -8.11 -6.17
N THR A 123 -5.79 -6.92 -6.69
CA THR A 123 -6.54 -5.90 -5.98
C THR A 123 -7.85 -5.61 -6.71
N SER A 124 -8.56 -4.58 -6.26
CA SER A 124 -9.89 -4.28 -6.77
C SER A 124 -9.91 -3.70 -8.17
N GLY A 125 -10.46 -4.43 -9.13
CA GLY A 125 -10.62 -3.88 -10.46
C GLY A 125 -11.41 -2.58 -10.46
N SER A 126 -12.47 -2.54 -9.66
CA SER A 126 -13.33 -1.37 -9.61
CA SER A 126 -13.34 -1.36 -9.61
C SER A 126 -12.61 -0.16 -9.01
N LEU A 127 -11.91 -0.37 -7.90
CA LEU A 127 -11.21 0.74 -7.25
C LEU A 127 -10.04 1.23 -8.09
N ASN A 128 -9.30 0.30 -8.68
CA ASN A 128 -8.19 0.69 -9.55
C ASN A 128 -8.68 1.48 -10.76
N ALA A 129 -9.81 1.06 -11.32
CA ALA A 129 -10.41 1.74 -12.46
C ALA A 129 -10.85 3.15 -12.06
N LEU A 130 -11.41 3.29 -10.86
CA LEU A 130 -11.78 4.60 -10.35
C LEU A 130 -10.56 5.49 -10.21
N ALA A 131 -9.49 4.94 -9.65
CA ALA A 131 -8.24 5.69 -9.50
C ALA A 131 -7.75 6.22 -10.85
N LYS A 132 -7.76 5.36 -11.86
CA LYS A 132 -7.28 5.79 -13.17
C LYS A 132 -8.14 6.90 -13.77
N LYS A 133 -9.46 6.80 -13.61
CA LYS A 133 -10.35 7.85 -14.08
C LYS A 133 -10.11 9.19 -13.40
N ILE A 134 -9.93 9.17 -12.08
CA ILE A 134 -9.64 10.39 -11.34
C ILE A 134 -8.33 11.00 -11.80
N ALA A 135 -7.29 10.16 -11.92
CA ALA A 135 -5.99 10.65 -12.36
C ALA A 135 -6.10 11.30 -13.73
N ASN A 136 -6.77 10.63 -14.66
CA ASN A 136 -6.95 11.18 -16.00
C ASN A 136 -7.67 12.54 -15.97
N GLU A 137 -8.73 12.61 -15.18
CA GLU A 137 -9.54 13.82 -15.11
C GLU A 137 -8.76 14.97 -14.51
N GLN A 138 -7.81 14.65 -13.64
CA GLN A 138 -7.04 15.66 -12.95
C GLN A 138 -5.67 15.89 -13.58
N HIS A 139 -5.45 15.28 -14.75
CA HIS A 139 -4.20 15.44 -15.49
C HIS A 139 -3.01 14.98 -14.68
N ILE A 140 -3.19 13.89 -13.94
CA ILE A 140 -2.15 13.30 -13.13
C ILE A 140 -1.73 11.98 -13.76
N ALA A 141 -0.42 11.75 -13.85
CA ALA A 141 0.07 10.46 -14.30
C ALA A 141 -0.22 9.44 -13.20
N LEU A 142 -0.72 8.26 -13.58
CA LEU A 142 -0.89 7.21 -12.60
C LEU A 142 -0.52 5.88 -13.22
N LYS A 143 0.58 5.29 -12.74
CA LYS A 143 0.99 4.00 -13.26
C LYS A 143 0.13 2.92 -12.64
N GLU A 144 -0.25 1.94 -13.43
CA GLU A 144 -0.93 0.74 -12.93
C GLU A 144 0.03 -0.41 -13.11
N GLY A 145 0.56 -0.95 -12.01
CA GLY A 145 1.58 -1.96 -12.15
C GLY A 145 1.82 -2.82 -10.93
N VAL A 146 2.90 -3.59 -10.98
CA VAL A 146 3.22 -4.57 -9.95
C VAL A 146 4.03 -3.94 -8.82
N ILE A 147 3.59 -4.19 -7.59
CA ILE A 147 4.37 -3.83 -6.42
C ILE A 147 4.98 -5.06 -5.77
N ALA A 148 6.27 -4.99 -5.47
CA ALA A 148 6.94 -6.02 -4.69
C ALA A 148 7.05 -5.56 -3.25
N SER A 149 6.61 -6.39 -2.31
CA SER A 149 6.67 -6.08 -0.88
C SER A 149 7.54 -7.08 -0.13
N GLY A 150 8.33 -6.58 0.81
CA GLY A 150 9.18 -7.44 1.60
C GLY A 150 9.58 -6.74 2.88
N ASP A 151 10.22 -7.48 3.78
CA ASP A 151 10.61 -6.92 5.07
C ASP A 151 12.01 -6.31 5.09
N GLN A 152 12.46 -5.82 3.94
CA GLN A 152 13.71 -5.10 3.84
C GLN A 152 13.47 -3.78 3.13
N PHE A 153 14.14 -2.74 3.60
CA PHE A 153 14.10 -1.48 2.89
C PHE A 153 15.21 -1.58 1.85
N VAL A 154 14.81 -1.58 0.59
CA VAL A 154 15.74 -1.88 -0.50
C VAL A 154 16.60 -0.67 -0.84
N HIS A 155 17.92 -0.89 -0.91
CA HIS A 155 18.87 0.20 -1.14
C HIS A 155 20.10 -0.33 -1.87
N SER A 156 19.87 -1.16 -2.88
CA SER A 156 20.97 -1.66 -3.70
C SER A 156 20.51 -1.94 -5.12
N LYS A 157 21.40 -1.69 -6.08
CA LYS A 157 21.09 -1.94 -7.48
C LYS A 157 20.87 -3.42 -7.73
N GLU A 158 21.64 -4.25 -7.01
CA GLU A 158 21.54 -5.70 -7.16
C GLU A 158 20.14 -6.21 -6.84
N ARG A 159 19.58 -5.75 -5.73
CA ARG A 159 18.24 -6.18 -5.35
C ARG A 159 17.18 -5.61 -6.30
N LYS A 160 17.35 -4.36 -6.71
CA LYS A 160 16.44 -3.77 -7.70
C LYS A 160 16.38 -4.63 -8.97
N GLU A 161 17.55 -5.06 -9.45
CA GLU A 161 17.63 -5.84 -10.67
C GLU A 161 16.89 -7.17 -10.50
N PHE A 162 17.00 -7.74 -9.32
CA PHE A 162 16.29 -8.97 -9.01
C PHE A 162 14.77 -8.76 -9.04
N LEU A 163 14.30 -7.69 -8.40
CA LEU A 163 12.86 -7.45 -8.34
C LEU A 163 12.27 -7.24 -9.73
N VAL A 164 12.98 -6.51 -10.57
CA VAL A 164 12.51 -6.28 -11.93
C VAL A 164 12.53 -7.55 -12.78
N SER A 165 13.60 -8.33 -12.69
CA SER A 165 13.72 -9.53 -13.52
C SER A 165 12.83 -10.69 -13.05
N GLU A 166 12.79 -10.91 -11.74
CA GLU A 166 12.03 -12.03 -11.20
C GLU A 166 10.52 -11.77 -11.22
N PHE A 167 10.12 -10.55 -10.87
CA PHE A 167 8.71 -10.27 -10.63
C PHE A 167 8.11 -9.17 -11.52
N LYS A 168 8.95 -8.58 -12.37
CA LYS A 168 8.52 -7.47 -13.21
C LYS A 168 7.89 -6.35 -12.38
N ALA A 169 8.49 -6.10 -11.23
CA ALA A 169 7.97 -5.09 -10.30
C ALA A 169 8.29 -3.66 -10.76
N SER A 170 7.37 -2.74 -10.49
CA SER A 170 7.56 -1.32 -10.82
C SER A 170 7.96 -0.50 -9.60
N ALA A 171 7.57 -0.98 -8.42
CA ALA A 171 7.90 -0.29 -7.18
C ALA A 171 8.08 -1.31 -6.05
N VAL A 172 8.74 -0.89 -4.98
CA VAL A 172 9.02 -1.77 -3.86
C VAL A 172 8.63 -1.08 -2.56
N GLU A 173 8.02 -1.84 -1.66
CA GLU A 173 7.66 -1.32 -0.34
C GLU A 173 7.54 -2.47 0.63
N MET A 174 6.93 -2.25 1.78
CA MET A 174 7.01 -3.25 2.85
C MET A 174 5.69 -3.72 3.44
N GLU A 175 4.56 -3.31 2.85
CA GLU A 175 3.25 -3.68 3.40
C GLU A 175 2.17 -4.02 2.39
N GLY A 176 2.34 -3.57 1.14
CA GLY A 176 1.25 -3.70 0.20
C GLY A 176 0.74 -5.11 -0.01
N ALA A 177 1.65 -6.04 -0.28
CA ALA A 177 1.25 -7.42 -0.55
C ALA A 177 0.49 -8.02 0.61
N SER A 178 0.96 -7.76 1.83
CA SER A 178 0.31 -8.35 3.01
C SER A 178 -1.08 -7.76 3.26
N VAL A 179 -1.24 -6.45 3.06
CA VAL A 179 -2.55 -5.84 3.20
C VAL A 179 -3.52 -6.43 2.16
N ALA A 180 -3.09 -6.46 0.90
CA ALA A 180 -3.93 -7.00 -0.17
C ALA A 180 -4.24 -8.48 0.06
N PHE A 181 -3.27 -9.21 0.61
CA PHE A 181 -3.45 -10.64 0.89
C PHE A 181 -4.57 -10.85 1.90
N VAL A 182 -4.52 -10.13 3.01
CA VAL A 182 -5.56 -10.26 4.02
C VAL A 182 -6.93 -9.89 3.44
N CYS A 183 -7.00 -8.77 2.72
CA CYS A 183 -8.27 -8.35 2.15
C CYS A 183 -8.85 -9.45 1.25
N GLN A 184 -8.00 -10.08 0.44
CA GLN A 184 -8.51 -11.09 -0.48
C GLN A 184 -9.05 -12.31 0.28
N LYS A 185 -8.40 -12.68 1.38
CA LYS A 185 -8.83 -13.84 2.16
C LYS A 185 -10.19 -13.62 2.79
N PHE A 186 -10.56 -12.37 3.04
CA PHE A 186 -11.82 -12.04 3.66
C PHE A 186 -12.85 -11.49 2.68
N GLY A 187 -12.48 -11.42 1.40
CA GLY A 187 -13.40 -10.96 0.38
C GLY A 187 -13.67 -9.46 0.42
N VAL A 188 -12.67 -8.71 0.90
CA VAL A 188 -12.80 -7.27 1.04
C VAL A 188 -12.03 -6.55 -0.08
N PRO A 189 -12.72 -5.70 -0.84
CA PRO A 189 -12.06 -4.93 -1.90
C PRO A 189 -10.90 -4.11 -1.35
N CYS A 190 -9.79 -4.13 -2.06
CA CYS A 190 -8.58 -3.46 -1.61
C CYS A 190 -7.97 -2.64 -2.75
N CYS A 191 -7.52 -1.43 -2.43
CA CYS A 191 -6.72 -0.64 -3.37
C CYS A 191 -5.45 -0.20 -2.67
N VAL A 192 -4.29 -0.43 -3.30
CA VAL A 192 -3.00 -0.01 -2.75
C VAL A 192 -2.40 1.11 -3.59
N LEU A 193 -2.29 2.28 -2.98
CA LEU A 193 -1.77 3.47 -3.63
CA LEU A 193 -1.75 3.47 -3.63
C LEU A 193 -0.42 3.83 -3.01
N ARG A 194 0.55 4.16 -3.85
CA ARG A 194 1.86 4.60 -3.36
C ARG A 194 2.39 5.81 -4.14
N SER A 195 3.07 6.69 -3.43
CA SER A 195 3.82 7.77 -4.08
C SER A 195 5.31 7.53 -3.87
N ILE A 196 6.11 7.75 -4.90
CA ILE A 196 7.55 7.48 -4.85
C ILE A 196 8.32 8.45 -3.95
N SER A 197 9.13 7.89 -3.04
CA SER A 197 9.98 8.67 -2.15
C SER A 197 11.47 8.56 -2.46
N ASP A 198 11.85 7.53 -3.21
CA ASP A 198 13.26 7.26 -3.48
C ASP A 198 13.40 6.23 -4.61
N ASN A 199 14.64 5.96 -5.01
CA ASN A 199 14.93 5.03 -6.10
C ASN A 199 15.49 3.68 -5.64
N ALA A 200 15.29 3.36 -4.37
CA ALA A 200 15.63 2.03 -3.85
C ALA A 200 17.08 1.64 -4.09
N ASP A 201 17.94 2.65 -4.20
CA ASP A 201 19.36 2.45 -4.45
C ASP A 201 20.23 2.86 -3.26
N GLU A 202 21.53 3.02 -3.49
CA GLU A 202 22.45 3.30 -2.40
C GLU A 202 22.13 4.59 -1.65
N LYS A 203 21.40 5.50 -2.29
CA LYS A 203 21.05 6.77 -1.66
C LYS A 203 19.59 6.80 -1.19
N ALA A 204 18.95 5.63 -1.14
CA ALA A 204 17.52 5.58 -0.86
C ALA A 204 17.13 6.21 0.47
N GLY A 205 17.94 5.96 1.51
CA GLY A 205 17.65 6.47 2.83
C GLY A 205 17.62 7.98 2.87
N MET A 206 18.63 8.62 2.27
CA MET A 206 18.68 10.07 2.23
C MET A 206 17.55 10.66 1.39
N SER A 207 17.19 9.99 0.30
CA SER A 207 16.10 10.46 -0.54
C SER A 207 14.77 10.37 0.21
N PHE A 208 14.56 9.22 0.85
CA PHE A 208 13.36 9.00 1.63
C PHE A 208 13.18 10.09 2.69
N ASP A 209 14.27 10.40 3.41
CA ASP A 209 14.21 11.43 4.45
C ASP A 209 13.78 12.79 3.88
N GLU A 210 14.26 13.11 2.68
CA GLU A 210 13.93 14.39 2.06
C GLU A 210 12.49 14.45 1.58
N PHE A 211 12.00 13.34 1.04
CA PHE A 211 10.73 13.35 0.32
C PHE A 211 9.54 12.68 1.01
N LEU A 212 9.78 12.05 2.16
CA LEU A 212 8.69 11.38 2.87
C LEU A 212 7.44 12.25 3.04
N GLU A 213 7.62 13.45 3.58
CA GLU A 213 6.48 14.32 3.87
C GLU A 213 5.66 14.64 2.62
N LYS A 214 6.34 15.06 1.56
CA LYS A 214 5.64 15.45 0.34
C LYS A 214 4.98 14.25 -0.35
N SER A 215 5.72 13.16 -0.49
CA SER A 215 5.17 11.97 -1.13
C SER A 215 4.00 11.40 -0.33
N ALA A 216 4.13 11.39 1.00
CA ALA A 216 3.04 10.92 1.84
C ALA A 216 1.79 11.76 1.61
N HIS A 217 1.97 13.08 1.50
CA HIS A 217 0.84 13.96 1.26
C HIS A 217 0.23 13.74 -0.13
N THR A 218 1.08 13.54 -1.13
CA THR A 218 0.59 13.28 -2.48
C THR A 218 -0.32 12.06 -2.53
N SER A 219 0.13 10.98 -1.88
CA SER A 219 -0.68 9.76 -1.80
C SER A 219 -1.98 10.00 -1.03
N ALA A 220 -1.89 10.66 0.12
CA ALA A 220 -3.05 10.91 0.96
C ALA A 220 -4.09 11.74 0.21
N LYS A 221 -3.62 12.75 -0.50
CA LYS A 221 -4.53 13.64 -1.21
C LYS A 221 -5.26 12.85 -2.30
N PHE A 222 -4.55 11.96 -2.96
CA PHE A 222 -5.19 11.14 -3.99
C PHE A 222 -6.20 10.17 -3.37
N LEU A 223 -5.84 9.56 -2.26
CA LEU A 223 -6.76 8.65 -1.57
C LEU A 223 -8.04 9.39 -1.19
N LYS A 224 -7.90 10.60 -0.68
CA LYS A 224 -9.05 11.41 -0.32
C LYS A 224 -9.93 11.63 -1.54
N SER A 225 -9.31 11.90 -2.68
CA SER A 225 -10.07 12.16 -3.90
C SER A 225 -10.87 10.92 -4.32
N MET A 226 -10.32 9.73 -4.04
CA MET A 226 -11.07 8.50 -4.29
C MET A 226 -12.28 8.36 -3.37
N VAL A 227 -12.06 8.60 -2.08
CA VAL A 227 -13.15 8.49 -1.11
C VAL A 227 -14.27 9.47 -1.44
N ASP A 228 -13.90 10.63 -1.98
CA ASP A 228 -14.88 11.64 -2.37
C ASP A 228 -15.78 11.18 -3.51
N GLU A 229 -15.39 10.09 -4.17
CA GLU A 229 -16.19 9.55 -5.29
C GLU A 229 -16.89 8.26 -4.90
N LEU A 230 -16.68 7.81 -3.66
CA LEU A 230 -17.32 6.60 -3.17
C LEU A 230 -18.64 6.88 -2.46
N9 ADE B . 9.39 2.49 0.91
C8 ADE B . 9.94 3.59 0.32
N7 ADE B . 11.09 3.37 -0.25
C5 ADE B . 11.34 2.02 -0.04
C6 ADE B . 12.40 1.18 -0.40
N6 ADE B . 13.47 1.59 -1.10
N1 ADE B . 12.33 -0.12 -0.01
C2 ADE B . 11.26 -0.52 0.69
N3 ADE B . 10.19 0.19 1.09
C4 ADE B . 10.29 1.47 0.69
C TRS C . 7.48 2.20 4.04
C1 TRS C . 6.22 2.50 4.89
C2 TRS C . 8.74 2.44 4.89
C3 TRS C . 7.66 0.75 3.57
N TRS C . 7.39 3.04 2.83
O1 TRS C . 5.13 2.67 3.98
O2 TRS C . 8.81 3.82 5.03
O3 TRS C . 6.53 0.35 2.85
C1 EDO D . -15.36 2.68 -7.14
O1 EDO D . -16.70 2.93 -7.57
C2 EDO D . -15.17 1.22 -6.79
O2 EDO D . -15.97 0.85 -5.67
C1 EDO E . -0.41 3.00 17.22
O1 EDO E . 0.11 4.26 17.63
C2 EDO E . -0.38 2.93 15.69
O2 EDO E . -1.54 2.23 15.22
C1 EDO F . -12.41 -3.18 19.54
O1 EDO F . -12.29 -2.36 20.70
C2 EDO F . -13.13 -2.39 18.44
O2 EDO F . -14.33 -1.83 18.99
C1 EDO G . -15.13 10.86 -10.94
O1 EDO G . -15.43 11.94 -11.83
C2 EDO G . -14.18 9.89 -11.62
O2 EDO G . -14.78 9.44 -12.85
#